data_3INA
#
_entry.id   3INA
#
_cell.length_a   112.185
_cell.length_b   63.433
_cell.length_c   65.290
_cell.angle_alpha   90.000
_cell.angle_beta   112.390
_cell.angle_gamma   90.000
#
_symmetry.space_group_name_H-M   'C 1 2 1'
#
loop_
_entity.id
_entity.type
_entity.pdbx_description
1 polymer 'Heparin lyase I'
2 branched '2-deoxy-6-O-sulfo-2-(sulfoamino)-alpha-D-glucopyranose-(1-4)-2-O-sulfo-alpha-L-idopyranuronic acid-(1-4)-2-deoxy-3,6-di-O-sulfo-2-(sulfoamino)-alpha-D-glucopyranose-(1-4)-2-O-sulfo-alpha-L-idopyranuronic acid-(1-4)-2-deoxy-6-O-sulfo-2-(sulfoamino)-alpha-D-glucopyranose-(1-4)-2-O-sulfo-alpha-L-idopyranuronic acid-(1-4)-2-deoxy-6-O-sulfo-2-(sulfoamino)-alpha-D-glucopyranose-(1-4)-2-O-sulfo-alpha-L-idopyranuronic acid'
3 non-polymer 'CALCIUM ION'
4 water water
#
_entity_poly.entity_id   1
_entity_poly.type   'polypeptide(L)'
_entity_poly.pdbx_seq_one_letter_code
;MLTAQTKNTQTLMPLTERVNVQADSARINQIIDGCWVAVGTNKPHAIQRDFTNLFDGKPSYRFELKTEDNTLEGYAKGET
KGRAEFSYCYATSDDFKGLPADVYQKAQITKTVYHHGKGACPQGSSRDYEFSVYIPSSLDSNVSTIFAQWAGMPDRTLVQ
TPQGEVKKLTVDEFVELEKTTFFKKNAGHEKVVRLDKQGNPMKDKNGKPVYKAGKLNGWLVEQGGYPPLAFGFSGGLFYI
KANSDRKWLTDKDDRCNANPGKTPVMKPLTSEYKASTIAYKLPFADFPKDCWITFRVHIDWTVYGKEAETIVKPGMLDVR
MDYQEQGKKVSKHIVNNEKILIGRNDEDGYYFKFGIYRVGDSTVPVCYNLAGYSERLE
;
_entity_poly.pdbx_strand_id   A
#
loop_
_chem_comp.id
_chem_comp.type
_chem_comp.name
_chem_comp.formula
CA non-polymer 'CALCIUM ION' 'Ca 2'
IDS L-saccharide, alpha linking '2-O-sulfo-alpha-L-idopyranuronic acid' 'C6 H10 O10 S'
SGN D-saccharide, alpha linking 2-deoxy-6-O-sulfo-2-(sulfoamino)-alpha-D-glucopyranose 'C6 H13 N O11 S2'
SUS D-saccharide, alpha linking 2-deoxy-3,6-di-O-sulfo-2-(sulfoamino)-alpha-D-glucopyranose 'C6 H13 N O14 S3'
#
# COMPACT_ATOMS: atom_id res chain seq x y z
N THR A 9 -28.89 -18.55 -8.64
CA THR A 9 -28.33 -17.24 -9.12
C THR A 9 -27.09 -16.86 -8.32
N GLN A 10 -26.15 -16.19 -8.99
CA GLN A 10 -24.90 -15.78 -8.36
C GLN A 10 -25.11 -14.66 -7.33
N THR A 11 -24.67 -14.92 -6.11
CA THR A 11 -24.77 -13.96 -5.02
C THR A 11 -23.39 -13.33 -4.82
N LEU A 12 -22.45 -14.13 -4.33
CA LEU A 12 -21.09 -13.67 -4.12
C LEU A 12 -20.16 -14.57 -4.92
N MET A 13 -19.20 -13.96 -5.61
CA MET A 13 -18.25 -14.71 -6.42
C MET A 13 -16.84 -14.42 -5.93
N PRO A 14 -16.20 -15.41 -5.29
CA PRO A 14 -14.84 -15.21 -4.81
C PRO A 14 -13.86 -14.86 -5.92
N LEU A 15 -12.98 -13.90 -5.63
CA LEU A 15 -11.95 -13.48 -6.57
C LEU A 15 -10.67 -13.83 -5.84
N THR A 16 -10.15 -15.02 -6.11
CA THR A 16 -8.98 -15.56 -5.43
C THR A 16 -7.59 -15.37 -6.04
N GLU A 17 -7.50 -14.96 -7.30
CA GLU A 17 -6.18 -14.76 -7.91
C GLU A 17 -5.45 -13.63 -7.20
N ARG A 18 -4.14 -13.81 -6.97
CA ARG A 18 -3.34 -12.81 -6.31
C ARG A 18 -2.05 -12.54 -7.10
N VAL A 19 -1.59 -11.29 -7.07
CA VAL A 19 -0.38 -10.91 -7.78
C VAL A 19 0.63 -10.21 -6.89
N ASN A 20 1.91 -10.58 -7.03
CA ASN A 20 2.99 -9.96 -6.28
C ASN A 20 3.40 -8.86 -7.25
N VAL A 21 2.84 -7.66 -7.10
CA VAL A 21 3.10 -6.57 -8.04
C VAL A 21 4.54 -6.07 -8.15
N GLN A 22 5.33 -6.22 -7.09
CA GLN A 22 6.71 -5.77 -7.15
C GLN A 22 7.61 -6.77 -7.88
N ALA A 23 7.29 -8.05 -7.78
CA ALA A 23 8.14 -9.08 -8.38
C ALA A 23 7.59 -9.92 -9.53
N ASP A 24 6.35 -9.68 -9.94
CA ASP A 24 5.76 -10.46 -11.03
C ASP A 24 4.76 -9.69 -11.87
N SER A 25 4.71 -10.00 -13.16
CA SER A 25 3.74 -9.35 -14.03
C SER A 25 2.42 -10.12 -13.83
N ALA A 26 1.30 -9.42 -13.95
CA ALA A 26 -0.01 -10.06 -13.79
C ALA A 26 -0.39 -10.79 -15.07
N ARG A 27 -0.93 -12.00 -14.92
CA ARG A 27 -1.38 -12.77 -16.08
C ARG A 27 -2.78 -12.27 -16.40
N ILE A 28 -3.22 -12.41 -17.64
CA ILE A 28 -4.55 -11.94 -18.04
C ILE A 28 -5.71 -12.45 -17.16
N ASN A 29 -5.61 -13.69 -16.69
CA ASN A 29 -6.68 -14.27 -15.86
C ASN A 29 -6.66 -13.78 -14.41
N GLN A 30 -5.68 -12.96 -14.07
CA GLN A 30 -5.58 -12.44 -12.71
C GLN A 30 -6.09 -11.02 -12.60
N ILE A 31 -6.27 -10.36 -13.74
CA ILE A 31 -6.75 -8.99 -13.76
C ILE A 31 -8.25 -8.94 -13.53
N ILE A 32 -8.67 -8.11 -12.56
CA ILE A 32 -10.06 -7.96 -12.21
C ILE A 32 -10.67 -6.71 -12.83
N ASP A 33 -11.80 -6.89 -13.52
CA ASP A 33 -12.51 -5.81 -14.18
C ASP A 33 -11.64 -4.92 -15.05
N GLY A 34 -10.58 -5.51 -15.60
CA GLY A 34 -9.68 -4.80 -16.49
C GLY A 34 -8.82 -3.70 -15.91
N CYS A 35 -8.81 -3.55 -14.60
CA CYS A 35 -8.01 -2.48 -14.02
C CYS A 35 -7.43 -2.74 -12.63
N TRP A 36 -7.69 -3.93 -12.07
CA TRP A 36 -7.20 -4.26 -10.73
C TRP A 36 -6.51 -5.63 -10.67
N VAL A 37 -5.72 -5.81 -9.62
CA VAL A 37 -5.09 -7.08 -9.30
C VAL A 37 -5.25 -7.12 -7.79
N ALA A 38 -5.38 -8.31 -7.23
CA ALA A 38 -5.56 -8.43 -5.79
C ALA A 38 -4.27 -8.83 -5.09
N VAL A 39 -4.12 -8.37 -3.85
CA VAL A 39 -2.95 -8.67 -3.05
C VAL A 39 -3.40 -9.13 -1.67
N GLY A 40 -2.58 -9.92 -0.99
CA GLY A 40 -2.96 -10.38 0.33
C GLY A 40 -3.45 -11.82 0.35
N THR A 41 -3.99 -12.26 1.49
CA THR A 41 -4.46 -13.63 1.65
C THR A 41 -5.47 -14.04 0.57
N ASN A 42 -5.35 -15.27 0.09
CA ASN A 42 -6.22 -15.76 -0.98
C ASN A 42 -7.46 -16.54 -0.56
N LYS A 43 -7.85 -16.47 0.70
CA LYS A 43 -9.06 -17.16 1.16
C LYS A 43 -10.24 -16.74 0.29
N PRO A 44 -11.11 -17.70 -0.10
CA PRO A 44 -12.27 -17.36 -0.94
C PRO A 44 -13.12 -16.21 -0.40
N HIS A 45 -13.28 -16.15 0.91
CA HIS A 45 -14.09 -15.11 1.52
C HIS A 45 -13.38 -13.76 1.66
N ALA A 46 -12.07 -13.73 1.41
CA ALA A 46 -11.31 -12.48 1.55
C ALA A 46 -11.79 -11.40 0.60
N ILE A 47 -11.99 -11.75 -0.66
CA ILE A 47 -12.46 -10.79 -1.66
C ILE A 47 -13.47 -11.47 -2.57
N GLN A 48 -14.65 -10.87 -2.70
CA GLN A 48 -15.69 -11.44 -3.56
C GLN A 48 -16.46 -10.37 -4.32
N ARG A 49 -16.85 -10.68 -5.55
CA ARG A 49 -17.65 -9.77 -6.35
C ARG A 49 -19.03 -9.91 -5.72
N ASP A 50 -19.67 -8.80 -5.40
CA ASP A 50 -20.97 -8.81 -4.74
C ASP A 50 -22.10 -8.34 -5.63
N PHE A 51 -22.90 -9.29 -6.12
CA PHE A 51 -24.03 -8.97 -6.98
C PHE A 51 -25.24 -8.49 -6.19
N THR A 52 -25.21 -8.64 -4.87
CA THR A 52 -26.33 -8.23 -4.05
C THR A 52 -26.23 -6.75 -3.65
N ASN A 53 -25.08 -6.16 -3.89
CA ASN A 53 -24.86 -4.76 -3.54
C ASN A 53 -24.19 -4.03 -4.69
N LEU A 54 -25.00 -3.50 -5.60
CA LEU A 54 -24.47 -2.79 -6.75
C LEU A 54 -24.14 -1.34 -6.43
N PHE A 55 -23.11 -0.83 -7.08
CA PHE A 55 -22.74 0.58 -6.95
C PHE A 55 -22.60 1.06 -8.39
N ASP A 56 -23.37 2.08 -8.73
CA ASP A 56 -23.36 2.62 -10.08
C ASP A 56 -23.58 1.53 -11.13
N GLY A 57 -24.58 0.69 -10.87
CA GLY A 57 -24.94 -0.38 -11.80
C GLY A 57 -23.95 -1.50 -12.01
N LYS A 58 -22.99 -1.65 -11.10
CA LYS A 58 -21.99 -2.70 -11.22
C LYS A 58 -21.81 -3.43 -9.89
N PRO A 59 -21.61 -4.75 -9.93
CA PRO A 59 -21.42 -5.47 -8.67
C PRO A 59 -20.22 -4.87 -7.91
N SER A 60 -20.35 -4.71 -6.60
CA SER A 60 -19.26 -4.15 -5.81
C SER A 60 -18.31 -5.22 -5.31
N TYR A 61 -17.30 -4.81 -4.55
CA TYR A 61 -16.32 -5.75 -4.02
C TYR A 61 -16.47 -5.86 -2.50
N ARG A 62 -16.75 -7.06 -2.03
CA ARG A 62 -16.92 -7.32 -0.60
C ARG A 62 -15.61 -7.85 -0.05
N PHE A 63 -15.05 -7.16 0.94
CA PHE A 63 -13.80 -7.60 1.56
C PHE A 63 -14.09 -8.09 2.97
N GLU A 64 -13.38 -9.14 3.37
CA GLU A 64 -13.57 -9.70 4.71
C GLU A 64 -12.37 -10.46 5.22
N LEU A 65 -11.98 -10.16 6.45
CA LEU A 65 -10.88 -10.83 7.11
C LEU A 65 -11.45 -11.31 8.44
N LYS A 66 -11.50 -12.62 8.64
CA LYS A 66 -12.02 -13.17 9.87
C LYS A 66 -10.91 -13.07 10.92
N THR A 67 -11.26 -13.35 12.17
CA THR A 67 -10.34 -13.25 13.27
C THR A 67 -8.95 -13.89 13.07
N GLU A 68 -8.88 -14.99 12.34
CA GLU A 68 -7.60 -15.65 12.13
C GLU A 68 -6.96 -15.42 10.76
N ASP A 69 -7.38 -14.36 10.07
CA ASP A 69 -6.85 -14.08 8.75
C ASP A 69 -5.57 -13.25 8.65
N ASN A 70 -4.92 -12.94 9.78
CA ASN A 70 -3.68 -12.18 9.72
C ASN A 70 -2.60 -13.14 9.25
N THR A 71 -1.81 -12.72 8.26
CA THR A 71 -0.75 -13.55 7.71
C THR A 71 0.58 -12.82 7.61
N LEU A 72 0.62 -11.58 8.08
CA LEU A 72 1.84 -10.77 8.00
C LEU A 72 2.40 -10.38 9.36
N GLU A 73 3.67 -9.98 9.37
CA GLU A 73 4.35 -9.56 10.59
C GLU A 73 4.46 -8.04 10.63
N GLY A 74 4.26 -7.46 11.81
CA GLY A 74 4.37 -6.01 11.97
C GLY A 74 5.83 -5.64 12.19
N TYR A 75 6.11 -4.37 12.45
CA TYR A 75 7.48 -3.93 12.68
C TYR A 75 7.98 -4.44 14.02
N ALA A 76 7.10 -4.49 15.01
CA ALA A 76 7.47 -4.97 16.34
C ALA A 76 7.35 -6.49 16.42
N LYS A 77 8.33 -7.13 17.07
CA LYS A 77 8.35 -8.58 17.22
C LYS A 77 7.03 -9.10 17.80
N GLY A 78 6.53 -10.19 17.21
CA GLY A 78 5.29 -10.77 17.69
C GLY A 78 4.04 -10.19 17.06
N GLU A 79 4.07 -8.90 16.71
CA GLU A 79 2.92 -8.25 16.09
C GLU A 79 2.59 -8.84 14.74
N THR A 80 1.31 -8.83 14.39
CA THR A 80 0.85 -9.38 13.12
C THR A 80 -0.12 -8.40 12.46
N LYS A 81 -0.42 -8.64 11.19
CA LYS A 81 -1.34 -7.80 10.46
C LYS A 81 -1.96 -8.61 9.32
N GLY A 82 -3.04 -8.08 8.74
CA GLY A 82 -3.70 -8.80 7.66
C GLY A 82 -3.90 -7.95 6.43
N ARG A 83 -3.97 -8.59 5.28
CA ARG A 83 -4.15 -7.87 4.03
C ARG A 83 -5.00 -8.58 2.99
N ALA A 84 -5.93 -7.83 2.41
CA ALA A 84 -6.81 -8.27 1.34
C ALA A 84 -7.17 -6.95 0.64
N GLU A 85 -6.43 -6.61 -0.40
CA GLU A 85 -6.67 -5.37 -1.12
C GLU A 85 -6.55 -5.51 -2.63
N PHE A 86 -6.95 -4.45 -3.32
CA PHE A 86 -6.85 -4.36 -4.78
C PHE A 86 -5.80 -3.28 -5.02
N SER A 87 -4.93 -3.48 -6.00
CA SER A 87 -3.94 -2.47 -6.34
C SER A 87 -4.25 -1.97 -7.75
N TYR A 88 -4.22 -0.66 -7.95
CA TYR A 88 -4.48 -0.08 -9.26
C TYR A 88 -3.20 -0.06 -10.09
N CYS A 89 -2.09 -0.48 -9.49
CA CYS A 89 -0.79 -0.49 -10.18
C CYS A 89 -0.17 -1.89 -10.25
N TYR A 90 0.13 -2.32 -11.46
CA TYR A 90 0.71 -3.64 -11.74
C TYR A 90 1.15 -3.66 -13.19
N ALA A 91 2.10 -4.53 -13.50
CA ALA A 91 2.58 -4.68 -14.87
C ALA A 91 1.93 -5.92 -15.47
N THR A 92 1.84 -5.96 -16.79
CA THR A 92 1.29 -7.11 -17.50
C THR A 92 2.37 -7.65 -18.43
N SER A 93 2.09 -8.78 -19.07
CA SER A 93 3.04 -9.36 -20.00
C SER A 93 3.23 -8.41 -21.17
N ASP A 94 2.15 -7.77 -21.60
CA ASP A 94 2.23 -6.83 -22.71
C ASP A 94 3.22 -5.71 -22.42
N ASP A 95 3.43 -5.39 -21.14
CA ASP A 95 4.37 -4.33 -20.78
C ASP A 95 5.82 -4.67 -21.09
N PHE A 96 6.14 -5.96 -21.12
CA PHE A 96 7.50 -6.40 -21.41
C PHE A 96 7.67 -6.99 -22.81
N LYS A 97 6.57 -7.04 -23.57
CA LYS A 97 6.62 -7.59 -24.92
C LYS A 97 7.61 -6.84 -25.80
N GLY A 98 8.48 -7.59 -26.47
CA GLY A 98 9.46 -6.98 -27.36
C GLY A 98 10.79 -6.61 -26.76
N LEU A 99 10.90 -6.65 -25.44
CA LEU A 99 12.14 -6.31 -24.75
C LEU A 99 12.99 -7.54 -24.49
N PRO A 100 14.31 -7.37 -24.30
CA PRO A 100 15.16 -8.53 -24.05
C PRO A 100 14.66 -9.19 -22.76
N ALA A 101 14.70 -10.52 -22.72
CA ALA A 101 14.24 -11.26 -21.56
C ALA A 101 14.80 -10.79 -20.21
N ASP A 102 16.05 -10.32 -20.21
CA ASP A 102 16.69 -9.91 -18.97
C ASP A 102 16.12 -8.64 -18.34
N VAL A 103 15.36 -7.84 -19.09
CA VAL A 103 14.77 -6.64 -18.49
C VAL A 103 13.77 -7.10 -17.43
N TYR A 104 12.86 -8.00 -17.80
CA TYR A 104 11.88 -8.50 -16.83
C TYR A 104 12.56 -9.27 -15.70
N GLN A 105 13.54 -10.10 -16.03
CA GLN A 105 14.23 -10.88 -15.01
C GLN A 105 14.90 -9.99 -13.97
N LYS A 106 15.55 -8.92 -14.42
CA LYS A 106 16.21 -8.01 -13.48
C LYS A 106 15.17 -7.22 -12.69
N ALA A 107 14.03 -6.94 -13.32
CA ALA A 107 12.96 -6.22 -12.63
C ALA A 107 12.41 -7.06 -11.49
N GLN A 108 12.37 -8.37 -11.67
CA GLN A 108 11.88 -9.25 -10.61
C GLN A 108 12.82 -9.20 -9.41
N ILE A 109 14.12 -9.22 -9.70
CA ILE A 109 15.17 -9.20 -8.69
C ILE A 109 15.23 -7.87 -7.92
N THR A 110 15.04 -6.76 -8.64
CA THR A 110 15.07 -5.45 -7.99
C THR A 110 13.68 -5.14 -7.43
N LYS A 111 12.73 -6.04 -7.71
CA LYS A 111 11.36 -5.89 -7.27
C LYS A 111 10.77 -4.56 -7.75
N THR A 112 10.99 -4.28 -9.03
CA THR A 112 10.50 -3.05 -9.65
C THR A 112 9.63 -3.38 -10.86
N VAL A 113 9.07 -4.59 -10.89
CA VAL A 113 8.22 -4.99 -12.00
C VAL A 113 7.12 -3.97 -12.24
N TYR A 114 6.44 -3.53 -11.18
CA TYR A 114 5.35 -2.59 -11.39
C TYR A 114 5.78 -1.19 -11.87
N HIS A 115 7.08 -0.94 -11.94
CA HIS A 115 7.57 0.33 -12.46
C HIS A 115 7.26 0.35 -13.95
N HIS A 116 7.09 -0.83 -14.53
CA HIS A 116 6.79 -0.97 -15.96
C HIS A 116 5.29 -1.04 -16.23
N GLY A 117 4.48 -0.92 -15.19
CA GLY A 117 3.04 -1.01 -15.37
C GLY A 117 2.27 0.29 -15.18
N LYS A 118 0.99 0.26 -15.51
CA LYS A 118 0.13 1.43 -15.38
C LYS A 118 -0.32 1.61 -13.92
N GLY A 119 -0.94 2.74 -13.63
CA GLY A 119 -1.47 2.96 -12.29
C GLY A 119 -0.80 3.90 -11.31
N ALA A 120 0.40 4.39 -11.61
CA ALA A 120 1.06 5.28 -10.67
C ALA A 120 1.11 6.71 -11.21
N CYS A 121 1.16 7.67 -10.30
CA CYS A 121 1.23 9.07 -10.70
C CYS A 121 2.66 9.51 -10.41
N PRO A 122 3.13 10.57 -11.07
CA PRO A 122 4.51 11.01 -10.81
C PRO A 122 4.71 11.79 -9.52
N GLN A 123 5.97 11.95 -9.16
CA GLN A 123 6.37 12.73 -7.99
C GLN A 123 5.87 14.16 -8.21
N GLY A 124 5.43 14.81 -7.14
CA GLY A 124 4.98 16.19 -7.21
C GLY A 124 3.85 16.57 -8.16
N SER A 125 3.06 15.59 -8.60
CA SER A 125 1.96 15.86 -9.51
C SER A 125 0.67 16.23 -8.77
N SER A 126 -0.35 16.61 -9.54
CA SER A 126 -1.64 16.97 -8.98
C SER A 126 -2.65 15.97 -9.54
N ARG A 127 -3.38 15.30 -8.67
CA ARG A 127 -4.34 14.30 -9.11
C ARG A 127 -5.65 14.32 -8.34
N ASP A 128 -6.69 13.79 -8.99
CA ASP A 128 -8.02 13.68 -8.40
C ASP A 128 -8.30 12.20 -8.29
N TYR A 129 -8.84 11.78 -7.16
CA TYR A 129 -9.17 10.38 -6.95
C TYR A 129 -10.60 10.32 -6.42
N GLU A 130 -11.30 9.25 -6.74
CA GLU A 130 -12.66 9.09 -6.28
C GLU A 130 -12.93 7.62 -6.05
N PHE A 131 -13.60 7.30 -4.95
CA PHE A 131 -13.95 5.93 -4.64
C PHE A 131 -15.10 5.92 -3.64
N SER A 132 -15.81 4.79 -3.56
CA SER A 132 -16.92 4.69 -2.65
C SER A 132 -16.79 3.50 -1.73
N VAL A 133 -17.31 3.65 -0.51
CA VAL A 133 -17.23 2.62 0.48
C VAL A 133 -18.59 2.42 1.11
N TYR A 134 -18.88 1.19 1.53
CA TYR A 134 -20.15 0.83 2.15
C TYR A 134 -19.82 0.11 3.47
N ILE A 135 -20.18 0.71 4.60
CA ILE A 135 -19.90 0.14 5.92
C ILE A 135 -21.17 -0.42 6.57
N PRO A 136 -21.30 -1.75 6.65
CA PRO A 136 -22.51 -2.30 7.27
C PRO A 136 -22.57 -2.08 8.78
N SER A 137 -23.78 -2.10 9.33
CA SER A 137 -23.98 -1.91 10.76
C SER A 137 -23.29 -3.00 11.57
N SER A 138 -22.97 -4.11 10.92
CA SER A 138 -22.31 -5.23 11.58
C SER A 138 -20.82 -4.99 11.88
N LEU A 139 -20.22 -3.97 11.29
CA LEU A 139 -18.80 -3.72 11.53
C LEU A 139 -18.54 -3.23 12.96
N ASP A 140 -17.71 -3.96 13.69
CA ASP A 140 -17.38 -3.61 15.07
C ASP A 140 -16.70 -2.24 15.11
N SER A 141 -17.14 -1.39 16.03
CA SER A 141 -16.60 -0.04 16.18
C SER A 141 -15.12 0.05 16.55
N ASN A 142 -14.57 -1.05 17.07
CA ASN A 142 -13.17 -1.04 17.47
C ASN A 142 -12.20 -1.74 16.53
N VAL A 143 -12.58 -1.86 15.27
CA VAL A 143 -11.70 -2.48 14.29
C VAL A 143 -10.49 -1.56 14.13
N SER A 144 -9.43 -2.09 13.56
CA SER A 144 -8.21 -1.32 13.31
C SER A 144 -7.86 -1.67 11.88
N THR A 145 -8.41 -0.90 10.94
CA THR A 145 -8.21 -1.18 9.54
C THR A 145 -8.14 0.05 8.65
N ILE A 146 -7.35 -0.07 7.58
CA ILE A 146 -7.18 0.99 6.61
C ILE A 146 -7.97 0.48 5.40
N PHE A 147 -8.93 1.27 4.91
CA PHE A 147 -9.72 0.82 3.77
C PHE A 147 -9.35 1.45 2.43
N ALA A 148 -8.44 2.41 2.47
CA ALA A 148 -7.96 3.04 1.24
C ALA A 148 -6.63 3.69 1.57
N GLN A 149 -5.64 3.47 0.73
CA GLN A 149 -4.33 4.06 0.96
C GLN A 149 -3.61 4.31 -0.36
N TRP A 150 -2.75 5.32 -0.33
CA TRP A 150 -1.93 5.69 -1.50
C TRP A 150 -0.53 5.30 -1.05
N ALA A 151 0.06 4.34 -1.77
CA ALA A 151 1.37 3.82 -1.43
C ALA A 151 2.50 4.39 -2.26
N GLY A 152 3.68 4.42 -1.66
CA GLY A 152 4.86 4.92 -2.34
C GLY A 152 5.53 3.82 -3.14
N MET A 153 6.50 4.20 -3.94
CA MET A 153 7.21 3.23 -4.76
C MET A 153 8.71 3.43 -4.59
N PRO A 154 9.28 2.84 -3.53
CA PRO A 154 10.72 3.00 -3.35
C PRO A 154 11.49 2.05 -4.27
N ASP A 155 12.62 2.52 -4.79
CA ASP A 155 13.46 1.69 -5.66
C ASP A 155 14.58 1.15 -4.77
N ARG A 156 14.65 -0.16 -4.62
CA ARG A 156 15.67 -0.72 -3.74
C ARG A 156 17.11 -0.66 -4.24
N THR A 157 17.34 -0.09 -5.42
CA THR A 157 18.73 -0.01 -5.84
C THR A 157 19.43 1.09 -5.04
N LEU A 158 18.67 1.84 -4.24
CA LEU A 158 19.23 2.87 -3.36
C LEU A 158 19.49 2.12 -2.07
N VAL A 159 20.76 1.96 -1.71
CA VAL A 159 21.13 1.19 -0.53
C VAL A 159 22.01 1.93 0.47
N GLN A 160 22.23 1.27 1.60
CA GLN A 160 23.11 1.78 2.64
C GLN A 160 24.13 0.66 2.81
N THR A 161 25.42 1.00 2.70
CA THR A 161 26.49 0.01 2.81
C THR A 161 26.68 -0.37 4.28
N PRO A 162 27.43 -1.45 4.54
CA PRO A 162 27.66 -1.87 5.93
C PRO A 162 28.28 -0.77 6.79
N GLN A 163 29.00 0.14 6.14
CA GLN A 163 29.65 1.26 6.82
C GLN A 163 28.59 2.29 7.22
N GLY A 164 27.56 2.42 6.40
CA GLY A 164 26.50 3.36 6.67
C GLY A 164 26.36 4.42 5.58
N GLU A 165 27.12 4.26 4.51
CA GLU A 165 27.08 5.21 3.40
C GLU A 165 25.92 4.91 2.45
N VAL A 166 25.18 5.95 2.07
CA VAL A 166 24.04 5.79 1.17
C VAL A 166 24.55 5.84 -0.27
N LYS A 167 24.17 4.83 -1.06
CA LYS A 167 24.62 4.74 -2.44
C LYS A 167 23.52 4.31 -3.40
N LYS A 168 23.47 4.95 -4.56
CA LYS A 168 22.48 4.61 -5.58
C LYS A 168 23.18 3.63 -6.52
N LEU A 169 22.83 2.34 -6.45
CA LEU A 169 23.46 1.33 -7.31
C LEU A 169 22.76 1.20 -8.66
N THR A 170 23.51 0.72 -9.66
CA THR A 170 22.91 0.51 -10.97
C THR A 170 22.12 -0.79 -10.81
N VAL A 171 21.23 -1.08 -11.75
CA VAL A 171 20.46 -2.31 -11.67
C VAL A 171 21.40 -3.51 -11.66
N ASP A 172 22.44 -3.47 -12.48
CA ASP A 172 23.38 -4.57 -12.54
C ASP A 172 24.19 -4.72 -11.27
N GLU A 173 24.53 -3.60 -10.63
CA GLU A 173 25.27 -3.67 -9.38
C GLU A 173 24.37 -4.24 -8.30
N PHE A 174 23.09 -3.90 -8.33
CA PHE A 174 22.18 -4.43 -7.32
C PHE A 174 22.02 -5.92 -7.54
N VAL A 175 21.91 -6.33 -8.81
CA VAL A 175 21.78 -7.74 -9.14
C VAL A 175 23.00 -8.46 -8.57
N GLU A 176 24.15 -7.81 -8.66
CA GLU A 176 25.40 -8.36 -8.14
C GLU A 176 25.32 -8.56 -6.64
N LEU A 177 24.83 -7.54 -5.94
CA LEU A 177 24.71 -7.59 -4.49
C LEU A 177 23.72 -8.67 -4.05
N GLU A 178 22.62 -8.77 -4.78
CA GLU A 178 21.56 -9.73 -4.48
C GLU A 178 22.06 -11.17 -4.55
N LYS A 179 23.15 -11.39 -5.27
CA LYS A 179 23.74 -12.72 -5.38
C LYS A 179 24.34 -13.20 -4.07
N THR A 180 24.79 -12.26 -3.23
CA THR A 180 25.39 -12.64 -1.96
C THR A 180 24.59 -12.18 -0.75
N THR A 181 23.46 -11.54 -0.99
CA THR A 181 22.64 -11.04 0.11
C THR A 181 21.16 -11.40 0.01
N PHE A 182 20.63 -11.95 1.10
CA PHE A 182 19.23 -12.32 1.19
C PHE A 182 18.52 -11.18 1.94
N PHE A 183 17.58 -10.52 1.29
CA PHE A 183 16.88 -9.42 1.95
C PHE A 183 15.56 -9.78 2.61
N LYS A 184 15.48 -9.50 3.91
CA LYS A 184 14.27 -9.74 4.69
C LYS A 184 13.71 -8.32 4.79
N LYS A 185 12.68 -8.03 3.99
CA LYS A 185 12.11 -6.69 3.94
C LYS A 185 13.21 -5.73 3.47
N ASN A 186 13.70 -4.86 4.35
CA ASN A 186 14.74 -3.90 3.96
C ASN A 186 16.13 -4.28 4.41
N ALA A 187 16.24 -5.30 5.26
CA ALA A 187 17.51 -5.71 5.81
C ALA A 187 18.23 -6.86 5.10
N GLY A 188 19.51 -6.65 4.84
CA GLY A 188 20.31 -7.66 4.18
C GLY A 188 20.89 -8.69 5.14
N HIS A 189 20.87 -9.95 4.69
CA HIS A 189 21.39 -11.07 5.46
C HIS A 189 22.30 -11.87 4.54
N GLU A 190 23.24 -12.60 5.11
CA GLU A 190 24.12 -13.43 4.29
C GLU A 190 23.23 -14.43 3.57
N LYS A 191 23.45 -14.59 2.27
CA LYS A 191 22.65 -15.52 1.49
C LYS A 191 23.23 -16.92 1.68
N VAL A 192 22.47 -17.78 2.36
CA VAL A 192 22.90 -19.14 2.66
C VAL A 192 22.19 -20.18 1.79
N VAL A 193 22.95 -21.11 1.23
CA VAL A 193 22.39 -22.17 0.40
C VAL A 193 21.56 -23.07 1.32
N ARG A 194 20.28 -23.25 0.97
CA ARG A 194 19.41 -24.10 1.79
C ARG A 194 19.50 -25.56 1.35
N LEU A 195 19.93 -26.42 2.27
CA LEU A 195 20.04 -27.84 1.99
C LEU A 195 18.97 -28.59 2.77
N ASP A 196 18.61 -29.78 2.30
CA ASP A 196 17.62 -30.60 2.98
C ASP A 196 18.33 -31.47 4.02
N LYS A 197 17.63 -32.45 4.58
CA LYS A 197 18.22 -33.33 5.59
C LYS A 197 19.45 -34.04 5.01
N GLN A 198 19.39 -34.38 3.73
CA GLN A 198 20.47 -35.07 3.04
C GLN A 198 21.45 -34.06 2.43
N GLY A 199 21.55 -32.89 3.05
CA GLY A 199 22.46 -31.86 2.58
C GLY A 199 22.47 -31.57 1.08
N ASN A 200 21.34 -31.77 0.41
CA ASN A 200 21.25 -31.51 -1.02
C ASN A 200 20.60 -30.16 -1.28
N PRO A 201 21.10 -29.40 -2.27
CA PRO A 201 20.53 -28.09 -2.58
C PRO A 201 19.07 -28.22 -2.99
N MET A 202 18.21 -27.40 -2.37
CA MET A 202 16.78 -27.44 -2.67
C MET A 202 16.40 -26.52 -3.82
N LYS A 203 15.43 -26.96 -4.62
CA LYS A 203 14.93 -26.19 -5.75
C LYS A 203 13.46 -25.88 -5.48
N ASP A 204 12.83 -25.12 -6.38
CA ASP A 204 11.43 -24.78 -6.21
C ASP A 204 10.58 -25.28 -7.39
N LYS A 205 9.40 -24.69 -7.55
CA LYS A 205 8.47 -25.06 -8.62
C LYS A 205 9.10 -25.08 -10.02
N ASN A 206 10.05 -24.18 -10.26
CA ASN A 206 10.69 -24.10 -11.58
C ASN A 206 12.11 -24.63 -11.60
N GLY A 207 12.49 -25.35 -10.56
CA GLY A 207 13.84 -25.91 -10.50
C GLY A 207 14.89 -24.86 -10.18
N LYS A 208 14.44 -23.71 -9.71
CA LYS A 208 15.34 -22.61 -9.35
C LYS A 208 15.84 -22.79 -7.92
N PRO A 209 17.13 -22.51 -7.69
CA PRO A 209 17.72 -22.66 -6.36
C PRO A 209 17.01 -21.87 -5.24
N VAL A 210 16.96 -22.47 -4.06
CA VAL A 210 16.34 -21.86 -2.89
C VAL A 210 17.42 -21.48 -1.89
N TYR A 211 17.21 -20.41 -1.15
CA TYR A 211 18.19 -19.95 -0.17
C TYR A 211 17.61 -19.72 1.23
N LYS A 212 18.48 -19.35 2.16
CA LYS A 212 18.09 -19.10 3.55
C LYS A 212 18.75 -17.81 4.04
N ALA A 213 18.16 -17.19 5.06
CA ALA A 213 18.68 -15.95 5.62
C ALA A 213 19.63 -16.20 6.78
N GLY A 214 20.90 -15.83 6.60
CA GLY A 214 21.87 -16.00 7.66
C GLY A 214 21.87 -14.77 8.55
N LYS A 215 23.03 -14.39 9.06
CA LYS A 215 23.13 -13.21 9.92
C LYS A 215 23.08 -11.91 9.10
N LEU A 216 22.75 -10.81 9.75
CA LEU A 216 22.70 -9.52 9.07
C LEU A 216 24.09 -9.24 8.53
N ASN A 217 24.17 -8.74 7.30
CA ASN A 217 25.49 -8.44 6.73
C ASN A 217 25.76 -6.95 6.57
N GLY A 218 24.93 -6.12 7.21
CA GLY A 218 25.14 -4.68 7.15
C GLY A 218 24.42 -3.92 6.06
N TRP A 219 24.04 -4.60 4.98
CA TRP A 219 23.34 -3.90 3.90
C TRP A 219 21.86 -3.66 4.16
N LEU A 220 21.37 -2.52 3.71
CA LEU A 220 19.97 -2.16 3.82
C LEU A 220 19.57 -1.62 2.45
N VAL A 221 18.34 -1.85 2.04
CA VAL A 221 17.84 -1.37 0.75
C VAL A 221 16.58 -0.58 1.04
N GLU A 222 16.26 0.39 0.21
CA GLU A 222 15.06 1.14 0.48
C GLU A 222 13.87 0.25 0.17
N GLN A 223 13.02 0.08 1.17
CA GLN A 223 11.86 -0.80 1.04
C GLN A 223 10.81 -0.41 2.06
N GLY A 224 9.55 -0.69 1.76
CA GLY A 224 8.48 -0.38 2.69
C GLY A 224 8.27 1.10 2.94
N GLY A 225 7.80 1.41 4.15
CA GLY A 225 7.54 2.78 4.53
C GLY A 225 6.05 3.07 4.60
N TYR A 226 5.67 4.01 5.48
CA TYR A 226 4.27 4.39 5.65
C TYR A 226 3.67 4.90 4.35
N PRO A 227 2.37 4.65 4.14
CA PRO A 227 1.73 5.15 2.91
C PRO A 227 1.54 6.65 3.10
N PRO A 228 1.81 7.47 2.06
CA PRO A 228 1.62 8.92 2.19
C PRO A 228 0.20 9.35 2.58
N LEU A 229 -0.79 8.51 2.28
CA LEU A 229 -2.17 8.84 2.66
C LEU A 229 -2.96 7.57 2.97
N ALA A 230 -3.78 7.64 4.01
CA ALA A 230 -4.57 6.49 4.42
C ALA A 230 -5.89 6.91 5.04
N PHE A 231 -6.95 6.16 4.71
CA PHE A 231 -8.30 6.36 5.21
C PHE A 231 -8.56 5.09 6.02
N GLY A 232 -9.02 5.23 7.26
CA GLY A 232 -9.27 4.03 8.05
C GLY A 232 -10.01 4.24 9.35
N PHE A 233 -10.08 3.16 10.13
CA PHE A 233 -10.74 3.20 11.44
C PHE A 233 -9.72 2.74 12.47
N SER A 234 -9.71 3.39 13.62
CA SER A 234 -8.79 3.05 14.69
C SER A 234 -9.24 3.74 15.97
N GLY A 235 -9.17 2.99 17.07
CA GLY A 235 -9.56 3.53 18.36
C GLY A 235 -10.95 4.12 18.43
N GLY A 236 -11.86 3.57 17.65
CA GLY A 236 -13.22 4.06 17.63
C GLY A 236 -13.42 5.31 16.80
N LEU A 237 -12.47 5.58 15.90
CA LEU A 237 -12.54 6.76 15.07
C LEU A 237 -12.32 6.50 13.58
N PHE A 238 -12.96 7.31 12.74
CA PHE A 238 -12.72 7.23 11.30
C PHE A 238 -11.69 8.36 11.22
N TYR A 239 -10.64 8.17 10.44
CA TYR A 239 -9.63 9.19 10.33
C TYR A 239 -8.99 9.15 8.94
N ILE A 240 -8.30 10.23 8.61
CA ILE A 240 -7.57 10.36 7.36
C ILE A 240 -6.19 10.81 7.83
N LYS A 241 -5.16 10.03 7.48
CA LYS A 241 -3.79 10.32 7.89
C LYS A 241 -2.85 10.53 6.70
N ALA A 242 -2.09 11.63 6.74
CA ALA A 242 -1.12 11.93 5.69
C ALA A 242 0.29 11.76 6.27
N ASN A 243 1.21 11.23 5.48
CA ASN A 243 2.59 11.04 5.91
C ASN A 243 3.56 11.64 4.91
N SER A 244 4.66 12.19 5.41
CA SER A 244 5.70 12.79 4.58
C SER A 244 7.06 12.30 5.07
N ASP A 245 7.93 11.93 4.14
CA ASP A 245 9.27 11.45 4.47
C ASP A 245 10.19 12.13 3.49
N ARG A 246 10.97 13.10 3.95
CA ARG A 246 11.88 13.83 3.06
C ARG A 246 13.28 13.24 2.98
N LYS A 247 13.57 12.22 3.76
CA LYS A 247 14.91 11.60 3.71
C LYS A 247 15.09 10.90 2.36
N TRP A 248 16.28 11.00 1.80
CA TRP A 248 16.57 10.38 0.50
C TRP A 248 16.42 8.86 0.65
N LEU A 249 17.08 8.27 1.65
CA LEU A 249 16.93 6.83 1.90
C LEU A 249 16.12 6.75 3.20
N THR A 250 14.88 6.27 3.09
CA THR A 250 14.00 6.17 4.25
C THR A 250 14.58 5.34 5.39
N ASP A 251 14.41 5.84 6.61
CA ASP A 251 14.88 5.18 7.83
C ASP A 251 13.63 4.52 8.44
N LYS A 252 13.52 3.21 8.33
CA LYS A 252 12.34 2.52 8.85
C LYS A 252 12.26 2.54 10.37
N ASP A 253 13.37 2.83 11.04
CA ASP A 253 13.40 2.89 12.50
C ASP A 253 12.77 4.16 13.06
N ASP A 254 12.55 5.15 12.19
CA ASP A 254 11.92 6.40 12.63
C ASP A 254 10.42 6.16 12.54
N ARG A 255 9.80 5.82 13.66
CA ARG A 255 8.38 5.50 13.73
C ARG A 255 7.46 6.71 13.94
N CYS A 256 7.81 7.82 13.32
CA CYS A 256 6.99 9.02 13.42
C CYS A 256 5.63 8.72 12.80
N ASN A 257 4.62 8.48 13.63
CA ASN A 257 3.30 8.16 13.12
C ASN A 257 2.23 8.68 14.05
N ALA A 258 1.39 9.57 13.55
CA ALA A 258 0.33 10.18 14.34
C ALA A 258 -0.76 9.22 14.81
N ASN A 259 -1.19 9.41 16.06
CA ASN A 259 -2.23 8.60 16.66
C ASN A 259 -3.56 9.31 16.44
N PRO A 260 -4.49 8.68 15.71
CA PRO A 260 -5.80 9.30 15.44
C PRO A 260 -6.49 9.87 16.67
N GLY A 261 -6.43 9.14 17.77
CA GLY A 261 -7.08 9.61 18.98
C GLY A 261 -6.38 10.70 19.75
N LYS A 262 -5.05 10.64 19.81
CA LYS A 262 -4.26 11.62 20.57
C LYS A 262 -3.71 12.83 19.83
N THR A 263 -3.54 12.74 18.52
CA THR A 263 -2.99 13.86 17.77
C THR A 263 -4.06 14.83 17.29
N PRO A 264 -3.92 16.13 17.59
CA PRO A 264 -4.91 17.11 17.15
C PRO A 264 -4.98 17.16 15.63
N VAL A 265 -6.16 17.47 15.10
CA VAL A 265 -6.34 17.55 13.66
C VAL A 265 -5.47 18.65 13.04
N MET A 266 -4.85 18.33 11.92
CA MET A 266 -3.99 19.25 11.17
C MET A 266 -2.81 19.87 11.91
N LYS A 267 -2.28 19.16 12.90
CA LYS A 267 -1.11 19.57 13.67
C LYS A 267 -0.14 18.42 13.48
N PRO A 268 0.76 18.51 12.49
CA PRO A 268 1.71 17.43 12.24
C PRO A 268 2.67 17.04 13.35
N LEU A 269 2.84 15.73 13.51
CA LEU A 269 3.77 15.16 14.48
C LEU A 269 5.02 15.05 13.62
N THR A 270 6.14 15.55 14.12
CA THR A 270 7.35 15.56 13.30
C THR A 270 8.61 15.03 13.93
N SER A 271 9.50 14.55 13.07
CA SER A 271 10.81 14.06 13.48
C SER A 271 11.73 14.85 12.56
N GLU A 272 13.01 14.49 12.50
CA GLU A 272 13.92 15.22 11.63
C GLU A 272 13.45 15.16 10.17
N TYR A 273 13.16 13.96 9.69
CA TYR A 273 12.74 13.76 8.29
C TYR A 273 11.28 13.43 8.00
N LYS A 274 10.50 13.09 9.02
CA LYS A 274 9.10 12.74 8.79
C LYS A 274 8.09 13.66 9.42
N ALA A 275 6.89 13.63 8.87
CA ALA A 275 5.76 14.40 9.38
C ALA A 275 4.53 13.51 9.19
N SER A 276 3.76 13.34 10.24
CA SER A 276 2.53 12.54 10.17
C SER A 276 1.37 13.42 10.66
N THR A 277 0.38 13.59 9.81
CA THR A 277 -0.75 14.46 10.12
C THR A 277 -2.13 13.81 10.08
N ILE A 278 -2.92 14.02 11.12
CA ILE A 278 -4.28 13.52 11.13
C ILE A 278 -5.07 14.66 10.48
N ALA A 279 -5.42 14.49 9.22
CA ALA A 279 -6.15 15.51 8.47
C ALA A 279 -7.60 15.65 8.87
N TYR A 280 -8.19 14.58 9.41
CA TYR A 280 -9.59 14.59 9.83
C TYR A 280 -9.90 13.36 10.67
N LYS A 281 -10.82 13.51 11.61
CA LYS A 281 -11.22 12.40 12.46
C LYS A 281 -12.71 12.56 12.80
N LEU A 282 -13.37 11.44 13.02
CA LEU A 282 -14.78 11.44 13.34
C LEU A 282 -15.13 10.20 14.14
N PRO A 283 -16.00 10.34 15.16
CA PRO A 283 -16.35 9.17 15.95
C PRO A 283 -16.97 8.10 15.04
N PHE A 284 -16.53 6.86 15.21
CA PHE A 284 -17.03 5.75 14.38
C PHE A 284 -18.56 5.74 14.32
N ALA A 285 -19.22 5.98 15.45
CA ALA A 285 -20.67 5.97 15.49
C ALA A 285 -21.32 7.01 14.57
N ASP A 286 -20.57 8.06 14.22
CA ASP A 286 -21.11 9.10 13.35
C ASP A 286 -20.86 8.85 11.86
N PHE A 287 -20.12 7.80 11.53
CA PHE A 287 -19.85 7.47 10.13
C PHE A 287 -21.11 6.80 9.61
N PRO A 288 -21.70 7.30 8.51
CA PRO A 288 -22.92 6.71 7.94
C PRO A 288 -22.79 5.21 7.69
N LYS A 289 -23.80 4.45 8.11
CA LYS A 289 -23.79 3.01 7.93
C LYS A 289 -24.82 2.54 6.90
N ASP A 290 -24.55 1.37 6.33
CA ASP A 290 -25.43 0.73 5.36
C ASP A 290 -25.83 1.61 4.17
N CYS A 291 -24.90 2.40 3.67
CA CYS A 291 -25.15 3.24 2.51
C CYS A 291 -23.82 3.55 1.84
N TRP A 292 -23.86 3.88 0.56
CA TRP A 292 -22.63 4.18 -0.16
C TRP A 292 -22.16 5.60 0.08
N ILE A 293 -20.91 5.72 0.50
CA ILE A 293 -20.30 7.02 0.75
C ILE A 293 -19.25 7.24 -0.32
N THR A 294 -19.32 8.37 -1.00
CA THR A 294 -18.34 8.65 -2.04
C THR A 294 -17.37 9.74 -1.61
N PHE A 295 -16.09 9.40 -1.67
CA PHE A 295 -15.03 10.35 -1.31
C PHE A 295 -14.38 10.90 -2.58
N ARG A 296 -14.28 12.23 -2.65
CA ARG A 296 -13.61 12.88 -3.78
C ARG A 296 -12.34 13.47 -3.16
N VAL A 297 -11.19 12.96 -3.58
CA VAL A 297 -9.91 13.39 -3.03
C VAL A 297 -8.98 14.08 -4.02
N HIS A 298 -8.56 15.30 -3.73
CA HIS A 298 -7.62 15.98 -4.61
C HIS A 298 -6.32 16.07 -3.86
N ILE A 299 -5.23 15.71 -4.53
CA ILE A 299 -3.92 15.74 -3.91
C ILE A 299 -2.88 16.44 -4.78
N ASP A 300 -2.16 17.36 -4.15
CA ASP A 300 -1.04 18.05 -4.79
C ASP A 300 0.11 17.46 -3.99
N TRP A 301 0.84 16.51 -4.57
CA TRP A 301 1.92 15.87 -3.86
C TRP A 301 3.09 16.80 -3.54
N THR A 302 3.63 16.65 -2.33
CA THR A 302 4.78 17.45 -1.91
C THR A 302 5.95 17.22 -2.85
N VAL A 303 6.70 18.30 -3.13
CA VAL A 303 7.86 18.20 -3.99
C VAL A 303 9.09 18.14 -3.10
N TYR A 304 9.93 17.12 -3.29
CA TYR A 304 11.13 16.97 -2.47
C TYR A 304 12.40 17.29 -3.27
N GLY A 305 13.50 17.55 -2.57
CA GLY A 305 14.74 17.87 -3.23
C GLY A 305 15.74 16.75 -3.46
N LYS A 306 15.25 15.52 -3.57
CA LYS A 306 16.10 14.36 -3.81
C LYS A 306 17.29 14.20 -2.85
N GLU A 307 18.51 14.15 -3.38
CA GLU A 307 19.69 13.98 -2.53
C GLU A 307 19.80 15.10 -1.50
N ALA A 308 19.30 16.28 -1.84
CA ALA A 308 19.34 17.42 -0.93
C ALA A 308 18.46 17.18 0.30
N GLU A 309 17.44 16.33 0.15
CA GLU A 309 16.52 16.00 1.23
C GLU A 309 15.72 17.18 1.78
N THR A 310 15.43 18.14 0.93
CA THR A 310 14.67 19.31 1.33
C THR A 310 13.21 19.24 0.88
N ILE A 311 12.37 20.08 1.49
CA ILE A 311 10.97 20.16 1.10
C ILE A 311 10.99 21.36 0.14
N VAL A 312 10.93 21.09 -1.16
CA VAL A 312 10.94 22.15 -2.15
C VAL A 312 9.61 22.89 -2.22
N LYS A 313 8.51 22.15 -2.09
CA LYS A 313 7.19 22.75 -2.13
C LYS A 313 6.20 21.88 -1.35
N PRO A 314 5.47 22.49 -0.40
CA PRO A 314 4.50 21.72 0.39
C PRO A 314 3.40 21.14 -0.49
N GLY A 315 2.69 20.16 0.04
CA GLY A 315 1.61 19.55 -0.70
C GLY A 315 0.27 20.15 -0.35
N MET A 316 -0.79 19.53 -0.83
CA MET A 316 -2.15 19.99 -0.59
C MET A 316 -3.11 18.81 -0.61
N LEU A 317 -4.05 18.80 0.34
CA LEU A 317 -5.05 17.74 0.42
C LEU A 317 -6.45 18.33 0.55
N ASP A 318 -7.37 17.82 -0.27
CA ASP A 318 -8.75 18.27 -0.24
C ASP A 318 -9.65 17.04 -0.30
N VAL A 319 -10.61 16.94 0.61
CA VAL A 319 -11.51 15.78 0.64
C VAL A 319 -12.98 16.14 0.85
N ARG A 320 -13.84 15.59 0.01
CA ARG A 320 -15.29 15.79 0.10
C ARG A 320 -15.90 14.41 0.39
N MET A 321 -16.90 14.38 1.26
CA MET A 321 -17.58 13.15 1.64
C MET A 321 -19.06 13.26 1.28
N ASP A 322 -19.50 12.50 0.28
CA ASP A 322 -20.88 12.55 -0.18
C ASP A 322 -21.66 11.26 0.11
N TYR A 323 -22.92 11.42 0.51
CA TYR A 323 -23.78 10.29 0.81
C TYR A 323 -25.24 10.71 0.94
N GLN A 324 -26.13 9.73 0.92
CA GLN A 324 -27.56 9.98 1.04
C GLN A 324 -28.01 9.77 2.48
N GLU A 325 -28.71 10.76 3.02
CA GLU A 325 -29.22 10.69 4.39
C GLU A 325 -30.62 11.30 4.42
N GLN A 326 -31.56 10.56 4.97
CA GLN A 326 -32.95 11.00 5.06
C GLN A 326 -33.50 11.16 3.65
N GLY A 327 -32.85 10.49 2.70
CA GLY A 327 -33.27 10.58 1.30
C GLY A 327 -32.75 11.84 0.64
N LYS A 328 -31.96 12.61 1.40
CA LYS A 328 -31.38 13.86 0.91
C LYS A 328 -29.90 13.70 0.57
N LYS A 329 -29.41 14.53 -0.35
CA LYS A 329 -28.01 14.47 -0.75
C LYS A 329 -27.17 15.29 0.21
N VAL A 330 -26.14 14.66 0.77
CA VAL A 330 -25.26 15.32 1.72
C VAL A 330 -23.83 15.34 1.19
N SER A 331 -23.14 16.45 1.38
CA SER A 331 -21.75 16.60 0.95
C SER A 331 -20.98 17.39 2.00
N LYS A 332 -20.10 16.69 2.70
CA LYS A 332 -19.29 17.29 3.76
C LYS A 332 -17.87 17.55 3.27
N HIS A 333 -17.43 18.80 3.39
CA HIS A 333 -16.09 19.23 2.97
C HIS A 333 -15.19 18.93 4.18
N ILE A 334 -14.97 17.65 4.47
CA ILE A 334 -14.18 17.25 5.64
C ILE A 334 -12.71 17.68 5.70
N VAL A 335 -12.05 17.85 4.56
CA VAL A 335 -10.67 18.34 4.55
C VAL A 335 -10.72 19.46 3.52
N ASN A 336 -10.69 20.70 4.00
CA ASN A 336 -10.80 21.87 3.13
C ASN A 336 -9.48 22.46 2.65
N ASN A 337 -9.08 22.07 1.44
CA ASN A 337 -7.85 22.57 0.81
C ASN A 337 -6.71 22.88 1.78
N GLU A 338 -6.35 21.87 2.58
CA GLU A 338 -5.28 22.02 3.57
C GLU A 338 -3.86 21.86 3.04
N LYS A 339 -3.03 22.87 3.31
CA LYS A 339 -1.62 22.81 2.93
C LYS A 339 -1.12 21.71 3.85
N ILE A 340 -0.30 20.80 3.34
CA ILE A 340 0.14 19.69 4.17
C ILE A 340 1.35 19.01 3.55
N LEU A 341 2.12 18.27 4.34
CA LEU A 341 3.26 17.56 3.81
C LEU A 341 2.76 16.16 3.51
N ILE A 342 2.89 15.74 2.27
CA ILE A 342 2.36 14.44 1.89
C ILE A 342 3.12 13.84 0.71
N GLY A 343 3.73 12.68 0.97
CA GLY A 343 4.51 11.99 -0.04
C GLY A 343 5.80 11.39 0.49
N ARG A 344 6.68 10.98 -0.42
CA ARG A 344 7.98 10.39 -0.08
C ARG A 344 9.04 10.92 -1.04
N ASN A 345 10.25 11.13 -0.53
CA ASN A 345 11.34 11.62 -1.36
C ASN A 345 11.91 10.45 -2.14
N ASP A 346 11.23 10.06 -3.22
CA ASP A 346 11.66 8.96 -4.09
C ASP A 346 11.71 9.46 -5.53
N GLU A 347 12.24 8.63 -6.41
CA GLU A 347 12.30 8.98 -7.82
C GLU A 347 10.89 8.75 -8.40
N ASP A 348 10.25 7.65 -8.00
CA ASP A 348 8.92 7.33 -8.48
C ASP A 348 7.78 7.85 -7.63
N GLY A 349 6.58 7.82 -8.20
CA GLY A 349 5.39 8.31 -7.55
C GLY A 349 4.60 7.40 -6.62
N TYR A 350 3.27 7.50 -6.71
CA TYR A 350 2.37 6.74 -5.84
C TYR A 350 1.21 6.03 -6.56
N TYR A 351 0.67 4.98 -5.94
CA TYR A 351 -0.46 4.26 -6.53
C TYR A 351 -1.53 4.01 -5.48
N PHE A 352 -2.77 3.84 -5.94
CA PHE A 352 -3.92 3.63 -5.07
C PHE A 352 -4.24 2.16 -4.81
N LYS A 353 -4.79 1.92 -3.61
CA LYS A 353 -5.23 0.59 -3.20
C LYS A 353 -6.43 0.76 -2.27
N PHE A 354 -7.36 -0.18 -2.32
CA PHE A 354 -8.44 -0.17 -1.36
C PHE A 354 -8.77 -1.61 -0.98
N GLY A 355 -9.41 -1.77 0.18
CA GLY A 355 -9.76 -3.10 0.66
C GLY A 355 -9.57 -3.12 2.16
N ILE A 356 -8.90 -4.14 2.67
CA ILE A 356 -8.64 -4.27 4.10
C ILE A 356 -7.16 -4.46 4.42
N TYR A 357 -6.65 -3.59 5.28
CA TYR A 357 -5.27 -3.68 5.74
C TYR A 357 -5.44 -3.57 7.25
N ARG A 358 -5.56 -4.73 7.91
CA ARG A 358 -5.76 -4.76 9.36
C ARG A 358 -4.43 -4.66 10.08
N VAL A 359 -4.29 -3.57 10.83
CA VAL A 359 -3.06 -3.23 11.55
C VAL A 359 -3.25 -3.14 13.05
N GLY A 360 -2.22 -2.65 13.73
CA GLY A 360 -2.28 -2.51 15.18
C GLY A 360 -2.36 -3.83 15.91
N ASP A 361 -1.87 -4.88 15.26
CA ASP A 361 -1.89 -6.22 15.85
C ASP A 361 -3.32 -6.61 16.22
N SER A 362 -4.29 -6.15 15.43
CA SER A 362 -5.69 -6.44 15.66
C SER A 362 -6.17 -7.69 14.95
N THR A 363 -7.12 -8.40 15.56
CA THR A 363 -7.69 -9.60 14.97
C THR A 363 -9.22 -9.49 15.00
N VAL A 364 -9.70 -8.27 15.23
CA VAL A 364 -11.13 -8.01 15.23
C VAL A 364 -11.58 -8.17 13.78
N PRO A 365 -12.62 -8.99 13.53
CA PRO A 365 -13.11 -9.20 12.16
C PRO A 365 -13.47 -7.89 11.46
N VAL A 366 -13.22 -7.87 10.15
CA VAL A 366 -13.52 -6.70 9.35
C VAL A 366 -14.24 -7.12 8.06
N CYS A 367 -15.31 -6.42 7.72
CA CYS A 367 -16.05 -6.70 6.50
C CYS A 367 -16.82 -5.46 6.04
N TYR A 368 -16.57 -5.07 4.80
CA TYR A 368 -17.24 -3.93 4.18
C TYR A 368 -17.05 -4.01 2.67
N ASN A 369 -17.75 -3.15 1.93
CA ASN A 369 -17.67 -3.15 0.47
C ASN A 369 -17.10 -1.86 -0.10
N LEU A 370 -16.40 -1.97 -1.23
CA LEU A 370 -15.81 -0.82 -1.91
C LEU A 370 -16.11 -0.91 -3.41
N ALA A 371 -16.10 0.23 -4.08
CA ALA A 371 -16.38 0.27 -5.52
C ALA A 371 -16.17 1.66 -6.11
N GLY A 372 -16.48 1.77 -7.40
CA GLY A 372 -16.40 3.03 -8.12
C GLY A 372 -15.13 3.85 -8.10
N TYR A 373 -13.98 3.23 -8.32
CA TYR A 373 -12.73 3.99 -8.33
C TYR A 373 -12.53 4.74 -9.64
N SER A 374 -11.94 5.93 -9.54
CA SER A 374 -11.66 6.72 -10.73
C SER A 374 -10.59 7.74 -10.35
N GLU A 375 -9.77 8.09 -11.32
CA GLU A 375 -8.72 9.07 -11.09
C GLU A 375 -8.59 9.93 -12.34
N ARG A 376 -8.26 11.20 -12.15
CA ARG A 376 -8.11 12.13 -13.26
C ARG A 376 -7.15 13.27 -12.92
N LEU A 377 -6.84 14.09 -13.91
CA LEU A 377 -5.93 15.22 -13.73
C LEU A 377 -6.68 16.48 -13.28
N GLU A 378 -5.93 17.43 -12.72
CA GLU A 378 -6.50 18.68 -12.26
C GLU A 378 -5.43 19.77 -12.11
C1 IDS B . 4.00 -18.57 1.68
C2 IDS B . 2.64 -17.97 2.09
C3 IDS B . 2.72 -17.44 3.52
C4 IDS B . 3.90 -16.49 3.68
C5 IDS B . 5.17 -17.20 3.22
C6 IDS B . 6.35 -16.24 3.35
O1 IDS B . 4.30 -19.69 2.50
O2 IDS B . 2.32 -16.89 1.21
O3 IDS B . 2.88 -18.55 4.42
O4 IDS B . 3.69 -15.31 2.87
O5 IDS B . 5.03 -17.58 1.84
O6A IDS B . 6.99 -15.94 2.32
O6B IDS B . 6.62 -15.79 4.49
S IDS B . 1.35 -17.30 0.25
O1S IDS B . 1.97 -18.30 -0.69
O2S IDS B . 0.19 -17.93 0.96
O3S IDS B . 0.89 -16.11 -0.54
C1 SGN B . 3.01 -14.28 3.64
C2 SGN B . 2.28 -13.32 2.70
C3 SGN B . 3.27 -12.54 1.85
C4 SGN B . 4.36 -11.88 2.70
C5 SGN B . 4.98 -12.94 3.62
C6 SGN B . 6.02 -12.33 4.55
N2 SGN B . 1.40 -14.08 1.81
O3 SGN B . 2.57 -11.54 1.10
O4 SGN B . 5.36 -11.38 1.76
O5 SGN B . 3.96 -13.56 4.44
O6 SGN B . 5.44 -11.39 5.46
S1 SGN B . -0.08 -14.27 2.45
O1S SGN B . -0.63 -12.92 2.81
O2S SGN B . -0.97 -14.93 1.44
O3S SGN B . 0.01 -15.13 3.67
S2 SGN B . 6.23 -10.84 6.52
O4S SGN B . 5.28 -9.82 7.08
O5S SGN B . 7.36 -10.23 5.74
O6S SGN B . 6.49 -12.10 7.31
C1 IDS B . 5.96 -10.13 2.17
C2 IDS B . 6.80 -9.59 1.01
C3 IDS B . 5.93 -9.10 -0.15
C4 IDS B . 4.83 -8.14 0.34
C5 IDS B . 4.06 -8.81 1.49
C6 IDS B . 3.00 -7.85 2.00
O2 IDS B . 7.65 -8.55 1.48
O3 IDS B . 5.32 -10.20 -0.82
O4 IDS B . 5.40 -6.88 0.76
O5 IDS B . 4.96 -9.16 2.55
O6A IDS B . 3.26 -7.19 3.05
O6B IDS B . 1.95 -7.75 1.36
S IDS B . 8.99 -9.05 1.61
O1S IDS B . 9.00 -10.26 2.49
O2S IDS B . 9.54 -9.41 0.26
O3S IDS B . 9.84 -7.97 2.22
C1 SGN B . 5.37 -5.97 -0.38
C2 SGN B . 6.37 -4.83 -0.21
C3 SGN B . 5.90 -3.89 0.90
C4 SGN B . 4.49 -3.41 0.59
C5 SGN B . 3.57 -4.62 0.48
C6 SGN B . 2.13 -4.22 0.14
N2 SGN B . 7.69 -5.37 0.12
O3 SGN B . 6.78 -2.75 0.95
O4 SGN B . 4.04 -2.44 1.58
O5 SGN B . 4.04 -5.47 -0.59
O6 SGN B . 2.03 -3.64 -1.16
S1 SGN B . 8.62 -5.53 -1.21
O1S SGN B . 9.91 -6.20 -0.84
O2S SGN B . 7.90 -6.35 -2.24
O3S SGN B . 8.91 -4.17 -1.79
S2 SGN B . 1.01 -4.08 -2.07
O4S SGN B . 0.88 -3.09 -3.19
O5S SGN B . 1.39 -5.42 -2.61
O6S SGN B . -0.30 -4.18 -1.35
C1 IDS B . 4.02 -2.94 2.94
C2 IDS B . 5.16 -2.32 3.76
C3 IDS B . 4.97 -0.82 3.96
C4 IDS B . 3.54 -0.45 4.37
C5 IDS B . 2.58 -1.15 3.40
C6 IDS B . 1.12 -0.73 3.55
O2 IDS B . 5.26 -2.99 5.04
O3 IDS B . 5.30 -0.12 2.77
O4 IDS B . 3.26 -0.77 5.76
O5 IDS B . 2.76 -2.57 3.53
O6A IDS B . 0.87 0.43 3.92
O6B IDS B . 0.24 -1.57 3.26
S IDS B . 6.32 -3.94 5.12
O1S IDS B . 5.94 -4.91 4.03
O2S IDS B . 6.05 -4.50 6.48
O3S IDS B . 7.51 -3.06 4.92
N2 SUS B . 5.27 -1.17 7.66
C1 SUS B . 3.66 0.36 6.58
S1 SUS B . 6.79 -0.60 7.71
C2 SUS B . 4.30 -0.09 7.90
S2 SUS B . 0.08 4.25 8.54
C3 SUS B . 3.26 -0.53 8.93
O3 SUS B . 3.89 -0.81 10.18
S3 SUS B . 3.66 -2.16 10.62
C4 SUS B . 2.25 0.60 9.10
O4 SUS B . 1.26 0.25 10.10
C5 SUS B . 1.59 0.85 7.74
O5 SUS B . 2.59 1.29 6.80
C6 SUS B . 0.48 1.90 7.86
O6 SUS B . 0.98 3.19 8.22
O1S SUS B . 7.02 0.16 8.98
O2S SUS B . 7.73 -1.77 7.65
O3S SUS B . 7.04 0.31 6.53
O4S SUS B . -0.39 4.08 9.95
O5S SUS B . 0.81 5.56 8.41
O6S SUS B . -1.09 4.23 7.61
O7S SUS B . 4.42 -3.12 9.76
O8S SUS B . 4.12 -2.30 12.04
O9S SUS B . 2.19 -2.48 10.55
C1 IDS B . 0.97 1.41 10.92
C2 IDS B . -0.21 1.11 11.86
C3 IDS B . -0.10 1.93 13.15
C4 IDS B . 1.18 1.59 13.90
C5 IDS B . 2.25 1.11 12.91
C6 IDS B . 3.64 1.40 13.49
O2 IDS B . -1.41 1.27 11.10
O3 IDS B . -1.22 1.63 13.99
O4 IDS B . 1.66 2.77 14.61
O5 IDS B . 2.13 1.81 11.66
O6A IDS B . 4.25 0.46 14.02
O6B IDS B . 4.09 2.57 13.40
S IDS B . -2.37 2.23 11.58
O1S IDS B . -3.36 2.49 10.49
O2S IDS B . -3.09 1.66 12.77
O3S IDS B . -1.70 3.51 11.97
C1 SGN B . 1.36 2.63 16.02
C2 SGN B . 0.91 3.97 16.61
C3 SGN B . 2.05 4.99 16.47
C4 SGN B . 3.30 4.44 17.16
C5 SGN B . 3.64 3.07 16.55
C6 SGN B . 4.86 2.49 17.26
N2 SGN B . -0.28 4.46 15.91
O3 SGN B . 1.65 6.21 17.12
O4 SGN B . 4.39 5.34 16.95
O5 SGN B . 2.53 2.17 16.72
O6 SGN B . 4.58 2.26 18.65
S1 SGN B . -1.62 3.86 16.64
O1S SGN B . -1.65 2.36 16.50
O2S SGN B . -1.58 4.22 18.10
O3S SGN B . -2.84 4.45 16.01
S2 SGN B . 5.57 1.64 19.48
O4S SGN B . 5.01 1.48 20.86
O5S SGN B . 5.92 0.29 18.92
O6S SGN B . 6.79 2.51 19.53
CA CA C . 13.57 7.54 -1.11
#